data_3CA9
#
_entry.id   3CA9
#
_cell.length_a   105.647
_cell.length_b   105.647
_cell.length_c   105.647
_cell.angle_alpha   90.00
_cell.angle_beta   90.00
_cell.angle_gamma   90.00
#
_symmetry.space_group_name_H-M   'P 21 3'
#
loop_
_entity.id
_entity.type
_entity.pdbx_description
1 polymer 'Deoxyuridine triphosphatase'
2 non-polymer 'MAGNESIUM ION'
3 non-polymer "DEOXYURIDINE-5'-DIPHOSPHATE"
4 water water
#
_entity_poly.entity_id   1
_entity_poly.type   'polypeptide(L)'
_entity_poly.pdbx_seq_one_letter_code
;MASMTGGQQMGRGSEFMSSLLVKKLVESATTPMRGSEGAAGYDISSVEDVVVPAMGRIAVSTGISIRVPDGTYGRIAPRS
GLAYKYGIDVLAGVIDEDYTGEVKVILYNTTERDYIIKKGDRIAQLILEQIVTPGVAVVLDLSDTARGSGGFGSTGILEH
HHHHH
;
_entity_poly.pdbx_strand_id   A,B
#
loop_
_chem_comp.id
_chem_comp.type
_chem_comp.name
_chem_comp.formula
DUD non-polymer DEOXYURIDINE-5'-DIPHOSPHATE 'C9 H14 N2 O11 P2'
MG non-polymer 'MAGNESIUM ION' 'Mg 2'
#
# COMPACT_ATOMS: atom_id res chain seq x y z
N SER A 14 -16.19 12.71 -38.87
CA SER A 14 -16.22 11.57 -37.90
C SER A 14 -17.37 11.71 -36.92
N GLU A 15 -17.81 12.95 -36.70
CA GLU A 15 -18.86 13.29 -35.75
C GLU A 15 -18.14 13.29 -34.40
N PHE A 16 -17.46 12.19 -34.15
CA PHE A 16 -16.65 12.00 -32.95
C PHE A 16 -16.18 10.56 -32.86
N MET A 17 -15.73 10.01 -33.99
CA MET A 17 -15.19 8.66 -33.98
C MET A 17 -13.68 8.89 -33.94
N SER A 18 -13.32 10.13 -33.61
CA SER A 18 -11.94 10.57 -33.48
C SER A 18 -11.67 10.65 -31.99
N SER A 19 -12.28 9.74 -31.24
CA SER A 19 -12.10 9.68 -29.81
C SER A 19 -11.39 8.36 -29.45
N LEU A 20 -11.26 8.10 -28.16
CA LEU A 20 -10.56 6.90 -27.72
C LEU A 20 -11.40 5.64 -27.89
N LEU A 21 -11.11 4.88 -28.94
CA LEU A 21 -11.82 3.64 -29.21
C LEU A 21 -11.25 2.54 -28.34
N VAL A 22 -12.10 2.00 -27.48
CA VAL A 22 -11.66 0.95 -26.55
C VAL A 22 -12.43 -0.34 -26.80
N LYS A 23 -11.70 -1.46 -26.79
CA LYS A 23 -12.28 -2.78 -26.99
C LYS A 23 -11.87 -3.75 -25.88
N LYS A 24 -12.78 -4.02 -24.94
CA LYS A 24 -12.47 -4.95 -23.86
C LYS A 24 -12.24 -6.34 -24.43
N LEU A 25 -11.11 -6.95 -24.08
CA LEU A 25 -10.81 -8.29 -24.57
C LEU A 25 -11.30 -9.32 -23.58
N VAL A 26 -11.14 -9.01 -22.29
CA VAL A 26 -11.60 -9.90 -21.24
C VAL A 26 -12.79 -9.18 -20.60
N GLU A 27 -13.78 -9.94 -20.19
CA GLU A 27 -14.97 -9.35 -19.58
C GLU A 27 -14.58 -8.55 -18.36
N SER A 28 -13.55 -9.05 -17.67
CA SER A 28 -12.99 -8.46 -16.46
C SER A 28 -12.43 -7.04 -16.65
N ALA A 29 -12.11 -6.69 -17.90
CA ALA A 29 -11.56 -5.38 -18.25
C ALA A 29 -12.37 -4.18 -17.80
N THR A 30 -11.68 -3.05 -17.62
CA THR A 30 -12.29 -1.80 -17.19
C THR A 30 -12.11 -0.72 -18.26
N THR A 31 -13.16 0.00 -18.59
CA THR A 31 -13.03 1.03 -19.60
C THR A 31 -12.20 2.19 -19.06
N PRO A 32 -11.16 2.59 -19.80
CA PRO A 32 -10.29 3.71 -19.37
C PRO A 32 -11.17 4.94 -19.19
N MET A 33 -10.89 5.74 -18.18
CA MET A 33 -11.71 6.91 -17.95
C MET A 33 -10.96 7.99 -17.20
N ARG A 34 -11.14 9.24 -17.60
CA ARG A 34 -10.47 10.34 -16.91
C ARG A 34 -11.16 10.53 -15.55
N GLY A 35 -10.38 10.86 -14.52
CA GLY A 35 -10.96 11.05 -13.21
C GLY A 35 -11.25 12.49 -12.84
N SER A 36 -11.16 13.41 -13.78
CA SER A 36 -11.42 14.80 -13.49
C SER A 36 -11.68 15.50 -14.80
N GLU A 37 -12.25 16.71 -14.74
CA GLU A 37 -12.50 17.46 -15.96
C GLU A 37 -11.15 17.90 -16.49
N GLY A 38 -10.23 18.18 -15.57
CA GLY A 38 -8.90 18.63 -15.95
C GLY A 38 -7.83 17.55 -16.01
N ALA A 39 -8.20 16.31 -15.73
CA ALA A 39 -7.25 15.21 -15.76
C ALA A 39 -6.69 15.05 -17.15
N ALA A 40 -5.42 14.68 -17.25
CA ALA A 40 -4.77 14.51 -18.53
C ALA A 40 -4.94 13.09 -19.09
N GLY A 41 -4.90 12.09 -18.22
CA GLY A 41 -5.03 10.74 -18.71
C GLY A 41 -6.29 10.01 -18.30
N TYR A 42 -6.52 8.89 -18.97
CA TYR A 42 -7.65 8.01 -18.71
C TYR A 42 -7.09 6.93 -17.82
N ASP A 43 -7.74 6.68 -16.68
CA ASP A 43 -7.24 5.66 -15.77
C ASP A 43 -7.10 4.33 -16.49
N ILE A 44 -6.11 3.56 -16.08
CA ILE A 44 -5.87 2.26 -16.67
C ILE A 44 -5.71 1.23 -15.58
N SER A 45 -6.62 0.27 -15.54
CA SER A 45 -6.63 -0.75 -14.52
C SER A 45 -6.07 -2.08 -14.97
N SER A 46 -5.73 -2.91 -13.99
CA SER A 46 -5.20 -4.25 -14.24
C SER A 46 -6.35 -5.22 -14.37
N VAL A 47 -6.09 -6.35 -15.03
CA VAL A 47 -7.11 -7.35 -15.23
C VAL A 47 -6.65 -8.65 -14.58
N GLU A 48 -5.58 -8.56 -13.79
CA GLU A 48 -5.02 -9.71 -13.11
C GLU A 48 -4.33 -9.37 -11.79
N ASP A 49 -4.04 -10.40 -11.00
CA ASP A 49 -3.37 -10.24 -9.73
C ASP A 49 -1.91 -10.54 -9.91
N VAL A 50 -1.08 -9.51 -9.85
CA VAL A 50 0.34 -9.71 -10.04
C VAL A 50 1.17 -8.95 -9.01
N VAL A 51 2.44 -9.33 -8.97
CA VAL A 51 3.40 -8.72 -8.08
C VAL A 51 4.56 -8.10 -8.86
N VAL A 52 4.81 -6.82 -8.64
CA VAL A 52 5.90 -6.14 -9.30
C VAL A 52 7.08 -6.34 -8.36
N PRO A 53 8.01 -7.24 -8.74
CA PRO A 53 9.22 -7.62 -8.01
C PRO A 53 10.06 -6.45 -7.56
N ALA A 54 10.56 -6.51 -6.33
CA ALA A 54 11.41 -5.43 -5.84
C ALA A 54 12.56 -5.31 -6.85
N MET A 55 12.86 -4.08 -7.25
CA MET A 55 13.94 -3.84 -8.21
C MET A 55 13.77 -4.59 -9.53
N GLY A 56 12.57 -5.08 -9.79
CA GLY A 56 12.32 -5.80 -11.01
C GLY A 56 11.14 -5.22 -11.76
N ARG A 57 10.87 -5.76 -12.93
CA ARG A 57 9.76 -5.28 -13.72
C ARG A 57 8.74 -6.36 -14.00
N ILE A 58 7.70 -6.00 -14.72
CA ILE A 58 6.66 -6.94 -15.05
C ILE A 58 5.69 -6.24 -15.97
N ALA A 59 5.07 -7.01 -16.87
CA ALA A 59 4.12 -6.46 -17.81
C ALA A 59 2.74 -6.87 -17.38
N VAL A 60 1.95 -5.91 -16.95
CA VAL A 60 0.60 -6.17 -16.47
C VAL A 60 -0.41 -6.09 -17.61
N SER A 61 -1.20 -7.15 -17.79
CA SER A 61 -2.22 -7.15 -18.84
C SER A 61 -3.34 -6.18 -18.47
N THR A 62 -3.86 -5.45 -19.45
CA THR A 62 -4.95 -4.52 -19.18
C THR A 62 -6.26 -5.14 -19.65
N GLY A 63 -6.13 -6.15 -20.49
CA GLY A 63 -7.29 -6.85 -21.01
C GLY A 63 -8.07 -6.03 -22.02
N ILE A 64 -7.45 -4.99 -22.55
CA ILE A 64 -8.11 -4.15 -23.55
C ILE A 64 -7.16 -3.77 -24.67
N SER A 65 -7.76 -3.45 -25.80
CA SER A 65 -7.04 -3.03 -27.00
C SER A 65 -7.53 -1.61 -27.24
N ILE A 66 -6.69 -0.76 -27.84
CA ILE A 66 -7.12 0.62 -28.07
C ILE A 66 -6.74 1.18 -29.43
N ARG A 67 -7.55 2.14 -29.87
CA ARG A 67 -7.32 2.83 -31.13
C ARG A 67 -7.30 4.30 -30.79
N VAL A 68 -6.09 4.85 -30.77
CA VAL A 68 -5.90 6.24 -30.46
C VAL A 68 -6.43 7.13 -31.58
N PRO A 69 -6.80 8.38 -31.26
CA PRO A 69 -7.31 9.26 -32.31
C PRO A 69 -6.17 9.53 -33.29
N ASP A 70 -6.51 9.84 -34.53
CA ASP A 70 -5.45 10.13 -35.49
C ASP A 70 -4.72 11.38 -35.02
N GLY A 71 -3.44 11.49 -35.33
CA GLY A 71 -2.66 12.65 -34.92
C GLY A 71 -2.06 12.58 -33.53
N THR A 72 -2.26 11.47 -32.83
CA THR A 72 -1.72 11.31 -31.49
C THR A 72 -1.28 9.88 -31.27
N TYR A 73 -0.61 9.65 -30.14
CA TYR A 73 -0.19 8.31 -29.78
C TYR A 73 -0.61 8.19 -28.32
N GLY A 74 -0.62 6.97 -27.81
CA GLY A 74 -1.01 6.76 -26.42
C GLY A 74 0.19 6.47 -25.54
N ARG A 75 0.51 7.41 -24.68
CA ARG A 75 1.64 7.24 -23.78
C ARG A 75 1.15 6.75 -22.44
N ILE A 76 1.69 5.61 -22.00
CA ILE A 76 1.32 5.07 -20.71
C ILE A 76 2.20 5.77 -19.67
N ALA A 77 1.57 6.68 -18.93
CA ALA A 77 2.27 7.44 -17.92
C ALA A 77 2.03 6.91 -16.51
N PRO A 78 2.96 7.22 -15.59
CA PRO A 78 2.82 6.75 -14.20
C PRO A 78 1.82 7.54 -13.37
N ARG A 79 1.12 6.85 -12.47
CA ARG A 79 0.18 7.50 -11.57
C ARG A 79 1.00 8.11 -10.44
N SER A 80 0.70 9.36 -10.08
CA SER A 80 1.45 10.07 -9.04
C SER A 80 1.51 9.31 -7.72
N GLY A 81 0.36 8.78 -7.30
CA GLY A 81 0.31 8.02 -6.06
C GLY A 81 1.35 6.92 -6.04
N LEU A 82 1.12 5.88 -6.83
CA LEU A 82 2.03 4.73 -6.88
C LEU A 82 3.50 5.09 -7.00
N ALA A 83 3.80 6.15 -7.75
CA ALA A 83 5.18 6.56 -7.92
C ALA A 83 5.68 7.03 -6.58
N TYR A 84 4.94 7.94 -5.97
CA TYR A 84 5.31 8.50 -4.68
C TYR A 84 5.44 7.45 -3.58
N LYS A 85 4.31 6.84 -3.23
CA LYS A 85 4.26 5.87 -2.16
C LYS A 85 5.01 4.55 -2.34
N TYR A 86 5.02 4.00 -3.55
CA TYR A 86 5.69 2.72 -3.72
C TYR A 86 6.81 2.74 -4.73
N GLY A 87 7.26 3.93 -5.10
CA GLY A 87 8.35 4.04 -6.04
C GLY A 87 8.13 3.21 -7.29
N ILE A 88 6.89 3.18 -7.76
CA ILE A 88 6.54 2.43 -8.97
C ILE A 88 6.69 3.34 -10.17
N ASP A 89 7.37 2.87 -11.21
CA ASP A 89 7.59 3.65 -12.43
C ASP A 89 7.09 2.89 -13.64
N VAL A 90 6.88 3.58 -14.76
CA VAL A 90 6.40 2.94 -15.99
C VAL A 90 7.47 2.92 -17.07
N LEU A 91 7.85 1.73 -17.54
CA LEU A 91 8.84 1.58 -18.59
C LEU A 91 8.14 1.51 -19.95
N ALA A 92 8.89 1.65 -21.04
CA ALA A 92 8.31 1.62 -22.39
C ALA A 92 7.14 2.60 -22.42
N GLY A 93 5.92 2.09 -22.57
CA GLY A 93 4.74 2.93 -22.54
C GLY A 93 4.29 3.66 -23.79
N VAL A 94 4.83 3.29 -24.95
CA VAL A 94 4.46 3.91 -26.22
C VAL A 94 3.57 3.01 -27.07
N ILE A 95 2.29 3.38 -27.14
CA ILE A 95 1.32 2.62 -27.91
C ILE A 95 1.00 3.32 -29.22
N ASP A 96 1.46 2.72 -30.31
CA ASP A 96 1.24 3.29 -31.64
C ASP A 96 -0.22 3.24 -32.07
N GLU A 97 -0.63 4.23 -32.86
CA GLU A 97 -1.99 4.37 -33.37
C GLU A 97 -2.39 3.15 -34.18
N ASP A 98 -1.42 2.45 -34.73
CA ASP A 98 -1.67 1.27 -35.53
C ASP A 98 -1.50 -0.02 -34.71
N TYR A 99 -1.64 0.09 -33.39
CA TYR A 99 -1.50 -1.08 -32.54
C TYR A 99 -2.87 -1.69 -32.30
N THR A 100 -2.99 -2.95 -32.68
CA THR A 100 -4.26 -3.64 -32.55
C THR A 100 -4.24 -4.73 -31.47
N GLY A 101 -3.06 -4.95 -30.89
CA GLY A 101 -2.93 -5.95 -29.84
C GLY A 101 -3.46 -5.46 -28.52
N GLU A 102 -3.12 -6.16 -27.43
CA GLU A 102 -3.57 -5.77 -26.10
C GLU A 102 -2.61 -4.81 -25.42
N VAL A 103 -3.16 -3.79 -24.75
CA VAL A 103 -2.29 -2.84 -24.07
C VAL A 103 -1.71 -3.53 -22.84
N LYS A 104 -0.38 -3.64 -22.82
CA LYS A 104 0.36 -4.24 -21.72
C LYS A 104 1.05 -3.08 -21.01
N VAL A 105 1.07 -3.11 -19.68
CA VAL A 105 1.71 -2.04 -18.92
C VAL A 105 2.91 -2.55 -18.14
N ILE A 106 4.10 -2.10 -18.55
CA ILE A 106 5.33 -2.53 -17.92
C ILE A 106 5.71 -1.63 -16.74
N LEU A 107 5.55 -2.16 -15.54
CA LEU A 107 5.85 -1.43 -14.31
C LEU A 107 7.20 -1.81 -13.76
N TYR A 108 7.87 -0.86 -13.15
CA TYR A 108 9.18 -1.14 -12.59
C TYR A 108 9.25 -0.77 -11.12
N ASN A 109 9.55 -1.76 -10.27
CA ASN A 109 9.64 -1.50 -8.86
C ASN A 109 11.00 -0.93 -8.47
N THR A 110 10.97 0.34 -8.08
CA THR A 110 12.16 1.07 -7.70
C THR A 110 12.56 0.79 -6.25
N THR A 111 11.59 0.31 -5.49
CA THR A 111 11.81 0.03 -4.08
C THR A 111 12.39 -1.32 -3.77
N GLU A 112 12.75 -1.46 -2.50
CA GLU A 112 13.36 -2.67 -1.97
C GLU A 112 12.33 -3.72 -1.61
N ARG A 113 11.06 -3.35 -1.67
CA ARG A 113 9.99 -4.29 -1.33
C ARG A 113 8.98 -4.44 -2.47
N ASP A 114 8.59 -5.68 -2.71
CA ASP A 114 7.62 -6.03 -3.76
C ASP A 114 6.40 -5.15 -3.72
N TYR A 115 5.64 -5.15 -4.80
CA TYR A 115 4.41 -4.39 -4.85
C TYR A 115 3.26 -5.26 -5.36
N ILE A 116 2.17 -5.34 -4.58
CA ILE A 116 1.04 -6.16 -4.97
C ILE A 116 0.01 -5.42 -5.81
N ILE A 117 -0.52 -6.12 -6.81
CA ILE A 117 -1.52 -5.54 -7.68
C ILE A 117 -2.69 -6.49 -7.79
N LYS A 118 -3.83 -6.06 -7.26
CA LYS A 118 -5.04 -6.86 -7.31
C LYS A 118 -5.80 -6.48 -8.58
N LYS A 119 -6.57 -7.41 -9.14
CA LYS A 119 -7.34 -7.11 -10.33
C LYS A 119 -8.12 -5.84 -10.06
N GLY A 120 -8.46 -5.12 -11.13
CA GLY A 120 -9.23 -3.90 -10.96
C GLY A 120 -8.46 -2.63 -10.61
N ASP A 121 -7.29 -2.77 -10.01
CA ASP A 121 -6.49 -1.61 -9.63
C ASP A 121 -6.07 -0.72 -10.78
N ARG A 122 -6.04 0.59 -10.51
CA ARG A 122 -5.58 1.56 -11.51
C ARG A 122 -4.05 1.53 -11.39
N ILE A 123 -3.39 0.96 -12.39
CA ILE A 123 -1.94 0.81 -12.39
C ILE A 123 -1.16 1.79 -13.24
N ALA A 124 -1.85 2.63 -13.97
CA ALA A 124 -1.21 3.62 -14.83
C ALA A 124 -2.30 4.48 -15.41
N GLN A 125 -1.92 5.39 -16.31
CA GLN A 125 -2.92 6.23 -16.93
C GLN A 125 -2.51 6.45 -18.38
N LEU A 126 -3.52 6.53 -19.23
CA LEU A 126 -3.31 6.73 -20.66
C LEU A 126 -3.43 8.18 -21.03
N ILE A 127 -2.45 8.69 -21.76
CA ILE A 127 -2.50 10.08 -22.18
C ILE A 127 -2.42 10.12 -23.68
N LEU A 128 -3.42 10.74 -24.29
CA LEU A 128 -3.48 10.88 -25.74
C LEU A 128 -2.64 12.11 -26.12
N GLU A 129 -1.35 11.88 -26.34
CA GLU A 129 -0.44 12.96 -26.68
C GLU A 129 -0.37 13.25 -28.15
N GLN A 130 -0.58 14.52 -28.49
CA GLN A 130 -0.55 15.00 -29.86
C GLN A 130 0.86 15.08 -30.42
N ILE A 131 1.10 14.31 -31.48
CA ILE A 131 2.41 14.29 -32.11
C ILE A 131 2.27 14.69 -33.56
N VAL A 132 3.40 14.93 -34.21
CA VAL A 132 3.41 15.29 -35.61
C VAL A 132 4.22 14.19 -36.26
N THR A 133 3.77 13.70 -37.40
CA THR A 133 4.45 12.58 -38.02
C THR A 133 4.87 12.85 -39.48
N PRO A 134 5.70 13.88 -39.69
CA PRO A 134 6.19 14.28 -41.01
C PRO A 134 7.14 13.27 -41.60
N GLY A 135 7.83 13.69 -42.66
CA GLY A 135 8.78 12.81 -43.31
C GLY A 135 10.16 13.27 -42.93
N VAL A 136 11.17 12.46 -43.23
CA VAL A 136 12.54 12.83 -42.89
C VAL A 136 13.26 13.49 -44.06
N ALA A 137 13.64 14.75 -43.86
CA ALA A 137 14.38 15.50 -44.87
C ALA A 137 15.85 15.41 -44.48
N VAL A 138 16.59 14.58 -45.20
CA VAL A 138 18.00 14.40 -44.92
C VAL A 138 18.84 15.50 -45.54
N VAL A 139 19.56 16.23 -44.70
CA VAL A 139 20.40 17.30 -45.20
C VAL A 139 21.76 16.73 -45.57
N LEU A 140 22.03 16.74 -46.87
CA LEU A 140 23.25 16.21 -47.45
C LEU A 140 24.44 17.07 -47.01
N ASP A 141 24.83 18.02 -47.85
CA ASP A 141 25.95 18.91 -47.53
C ASP A 141 25.44 20.13 -46.76
N PHE B 16 7.61 10.32 40.84
CA PHE B 16 8.27 9.27 40.03
C PHE B 16 8.31 7.92 40.77
N MET B 17 8.66 6.88 40.02
CA MET B 17 8.76 5.48 40.45
C MET B 17 8.10 4.64 39.35
N SER B 18 7.01 5.18 38.80
CA SER B 18 6.27 4.53 37.73
C SER B 18 6.89 4.99 36.41
N SER B 19 6.05 5.09 35.37
CA SER B 19 6.45 5.50 34.02
C SER B 19 6.61 4.29 33.12
N LEU B 20 6.94 4.55 31.85
CA LEU B 20 7.08 3.49 30.88
C LEU B 20 8.52 3.27 30.47
N LEU B 21 9.21 2.32 31.10
CA LEU B 21 10.59 2.08 30.72
C LEU B 21 10.58 1.38 29.38
N VAL B 22 11.24 1.99 28.40
CA VAL B 22 11.31 1.42 27.06
C VAL B 22 12.73 1.01 26.67
N LYS B 23 13.03 -0.27 26.80
CA LYS B 23 14.34 -0.78 26.44
C LYS B 23 14.39 -1.07 24.95
N LYS B 24 14.85 -0.08 24.19
CA LYS B 24 14.98 -0.20 22.75
C LYS B 24 15.95 -1.37 22.52
N LEU B 25 15.54 -2.36 21.73
CA LEU B 25 16.39 -3.52 21.48
C LEU B 25 17.26 -3.43 20.24
N VAL B 26 16.92 -2.52 19.34
CA VAL B 26 17.71 -2.32 18.12
C VAL B 26 17.59 -0.87 17.71
N GLU B 27 18.73 -0.26 17.37
CA GLU B 27 18.78 1.13 16.95
C GLU B 27 17.57 1.62 16.13
N SER B 28 17.16 0.83 15.15
CA SER B 28 16.04 1.19 14.28
C SER B 28 14.71 1.32 15.01
N ALA B 29 14.54 0.54 16.07
CA ALA B 29 13.32 0.57 16.86
C ALA B 29 12.97 1.99 17.31
N THR B 30 11.71 2.37 17.14
CA THR B 30 11.26 3.71 17.52
C THR B 30 10.80 3.73 18.98
N THR B 31 10.83 4.91 19.59
CA THR B 31 10.41 5.05 20.97
C THR B 31 8.95 5.52 21.08
N PRO B 32 8.08 4.69 21.68
CA PRO B 32 6.65 4.93 21.89
C PRO B 32 6.31 6.34 22.35
N MET B 33 5.83 7.14 21.41
CA MET B 33 5.45 8.52 21.69
C MET B 33 3.97 8.62 21.36
N ARG B 34 3.26 9.58 21.97
CA ARG B 34 1.83 9.71 21.70
C ARG B 34 1.45 10.99 21.00
N GLY B 35 1.07 10.86 19.73
CA GLY B 35 0.65 11.99 18.90
C GLY B 35 0.17 13.24 19.60
N SER B 36 -1.13 13.49 19.58
CA SER B 36 -1.67 14.68 20.24
C SER B 36 -1.37 14.65 21.73
N GLU B 37 -1.48 15.81 22.36
CA GLU B 37 -1.21 15.93 23.79
C GLU B 37 -2.30 15.19 24.55
N GLY B 38 -3.51 15.24 24.04
CA GLY B 38 -4.63 14.58 24.69
C GLY B 38 -4.93 13.21 24.11
N ALA B 39 -3.89 12.53 23.63
CA ALA B 39 -4.05 11.20 23.06
C ALA B 39 -4.34 10.18 24.15
N ALA B 40 -4.39 8.91 23.77
CA ALA B 40 -4.67 7.82 24.71
C ALA B 40 -3.58 6.77 24.65
N GLY B 41 -3.00 6.60 23.48
CA GLY B 41 -1.97 5.59 23.33
C GLY B 41 -0.66 6.06 22.74
N TYR B 42 0.38 5.29 23.03
CA TYR B 42 1.72 5.58 22.53
C TYR B 42 1.88 4.81 21.23
N ASP B 43 2.05 5.54 20.14
CA ASP B 43 2.23 4.93 18.82
C ASP B 43 3.41 3.98 18.85
N ILE B 44 3.25 2.79 18.27
CA ILE B 44 4.37 1.87 18.23
C ILE B 44 4.66 1.57 16.76
N SER B 45 5.94 1.67 16.40
CA SER B 45 6.36 1.48 15.03
C SER B 45 6.88 0.10 14.68
N SER B 46 6.79 -0.23 13.40
CA SER B 46 7.28 -1.49 12.91
C SER B 46 8.75 -1.32 12.64
N VAL B 47 9.55 -2.21 13.21
CA VAL B 47 10.99 -2.15 13.01
C VAL B 47 11.39 -3.24 12.01
N GLU B 48 10.71 -3.26 10.87
CA GLU B 48 10.97 -4.23 9.80
C GLU B 48 9.96 -4.13 8.67
N ASP B 49 10.36 -4.57 7.48
CA ASP B 49 9.47 -4.56 6.33
C ASP B 49 8.76 -5.90 6.32
N VAL B 50 7.43 -5.88 6.45
CA VAL B 50 6.65 -7.11 6.49
C VAL B 50 5.30 -6.99 5.81
N VAL B 51 4.73 -8.14 5.47
CA VAL B 51 3.43 -8.16 4.83
C VAL B 51 2.40 -8.96 5.64
N VAL B 52 1.29 -8.32 5.94
CA VAL B 52 0.22 -8.97 6.66
C VAL B 52 -0.72 -9.46 5.57
N PRO B 53 -0.62 -10.76 5.22
CA PRO B 53 -1.37 -11.52 4.21
C PRO B 53 -2.88 -11.34 4.20
N ALA B 54 -3.46 -11.29 3.01
CA ALA B 54 -4.89 -11.12 2.85
C ALA B 54 -5.59 -12.23 3.60
N MET B 55 -6.49 -11.86 4.52
CA MET B 55 -7.22 -12.81 5.34
C MET B 55 -6.30 -13.59 6.24
N GLY B 56 -5.10 -13.05 6.48
CA GLY B 56 -4.15 -13.74 7.33
C GLY B 56 -3.57 -12.86 8.42
N ARG B 57 -2.70 -13.44 9.24
CA ARG B 57 -2.10 -12.72 10.34
C ARG B 57 -0.59 -12.79 10.31
N ILE B 58 0.05 -11.93 11.10
CA ILE B 58 1.51 -11.88 11.17
C ILE B 58 1.92 -11.25 12.48
N ALA B 59 3.03 -11.71 13.05
CA ALA B 59 3.52 -11.15 14.30
C ALA B 59 4.65 -10.18 14.00
N VAL B 60 4.32 -8.90 13.88
CA VAL B 60 5.32 -7.88 13.58
C VAL B 60 6.21 -7.51 14.77
N SER B 61 7.50 -7.35 14.50
CA SER B 61 8.49 -7.00 15.52
C SER B 61 8.61 -5.49 15.70
N THR B 62 8.69 -5.06 16.95
CA THR B 62 8.78 -3.63 17.27
C THR B 62 10.16 -3.22 17.77
N GLY B 63 10.99 -4.23 18.07
CA GLY B 63 12.33 -3.97 18.54
C GLY B 63 12.43 -3.26 19.87
N ILE B 64 11.49 -3.51 20.78
CA ILE B 64 11.54 -2.86 22.08
C ILE B 64 10.85 -3.72 23.13
N SER B 65 11.22 -3.53 24.38
CA SER B 65 10.61 -4.25 25.48
C SER B 65 10.16 -3.15 26.42
N ILE B 66 9.15 -3.43 27.24
CA ILE B 66 8.62 -2.39 28.12
C ILE B 66 8.23 -2.87 29.50
N ARG B 67 8.20 -1.94 30.44
CA ARG B 67 7.82 -2.22 31.82
C ARG B 67 6.79 -1.16 32.20
N VAL B 68 5.54 -1.43 31.86
CA VAL B 68 4.44 -0.51 32.14
C VAL B 68 4.25 -0.26 33.64
N PRO B 69 3.84 0.97 34.00
CA PRO B 69 3.62 1.33 35.41
C PRO B 69 2.76 0.32 36.15
N ASP B 70 2.97 0.18 37.45
CA ASP B 70 2.19 -0.79 38.21
C ASP B 70 0.68 -0.57 38.12
N GLY B 71 -0.07 -1.60 38.54
CA GLY B 71 -1.53 -1.55 38.50
C GLY B 71 -1.96 -1.12 37.11
N THR B 72 -1.27 -1.66 36.12
CA THR B 72 -1.53 -1.30 34.74
C THR B 72 -0.89 -2.26 33.75
N TYR B 73 -1.66 -2.72 32.77
CA TYR B 73 -1.10 -3.61 31.75
C TYR B 73 -1.08 -2.80 30.47
N GLY B 74 -0.28 -3.23 29.50
CA GLY B 74 -0.20 -2.51 28.24
C GLY B 74 -0.98 -3.19 27.13
N ARG B 75 -2.08 -2.57 26.70
CA ARG B 75 -2.89 -3.12 25.62
C ARG B 75 -2.45 -2.62 24.27
N ILE B 76 -2.25 -3.55 23.35
CA ILE B 76 -1.86 -3.21 21.98
C ILE B 76 -3.18 -3.01 21.26
N ALA B 77 -3.56 -1.77 21.07
CA ALA B 77 -4.80 -1.45 20.37
C ALA B 77 -4.50 -1.08 18.91
N PRO B 78 -5.53 -1.05 18.06
CA PRO B 78 -5.43 -0.72 16.65
C PRO B 78 -5.36 0.77 16.38
N ARG B 79 -4.71 1.16 15.29
CA ARG B 79 -4.66 2.57 14.92
C ARG B 79 -5.96 2.70 14.16
N SER B 80 -6.61 3.84 14.24
CA SER B 80 -7.88 4.02 13.56
C SER B 80 -7.81 3.97 12.04
N GLY B 81 -7.06 4.90 11.45
CA GLY B 81 -6.92 4.91 10.00
C GLY B 81 -6.67 3.55 9.38
N LEU B 82 -5.76 2.77 9.96
CA LEU B 82 -5.46 1.45 9.43
C LEU B 82 -6.69 0.55 9.38
N ALA B 83 -7.39 0.45 10.50
CA ALA B 83 -8.58 -0.38 10.56
C ALA B 83 -9.54 0.09 9.49
N TYR B 84 -9.70 1.41 9.41
CA TYR B 84 -10.61 2.03 8.45
C TYR B 84 -10.18 1.94 6.99
N LYS B 85 -8.96 2.33 6.68
CA LYS B 85 -8.49 2.29 5.30
C LYS B 85 -8.17 0.89 4.80
N TYR B 86 -7.51 0.09 5.62
CA TYR B 86 -7.12 -1.24 5.18
C TYR B 86 -7.70 -2.43 5.93
N GLY B 87 -8.76 -2.21 6.71
CA GLY B 87 -9.39 -3.30 7.44
C GLY B 87 -8.39 -4.09 8.27
N ILE B 88 -7.49 -3.37 8.92
CA ILE B 88 -6.46 -3.98 9.75
C ILE B 88 -6.85 -4.02 11.22
N ASP B 89 -6.66 -5.17 11.86
CA ASP B 89 -6.99 -5.31 13.27
C ASP B 89 -5.81 -5.84 14.07
N VAL B 90 -5.92 -5.82 15.40
CA VAL B 90 -4.87 -6.33 16.28
C VAL B 90 -5.39 -7.51 17.06
N LEU B 91 -4.68 -8.64 16.98
CA LEU B 91 -5.06 -9.84 17.70
C LEU B 91 -4.27 -9.93 19.00
N ALA B 92 -4.72 -10.75 19.94
CA ALA B 92 -4.01 -10.87 21.22
C ALA B 92 -3.93 -9.43 21.68
N GLY B 93 -2.73 -8.97 22.01
CA GLY B 93 -2.58 -7.58 22.41
C GLY B 93 -2.39 -7.24 23.87
N VAL B 94 -2.33 -8.25 24.73
CA VAL B 94 -2.15 -8.02 26.17
C VAL B 94 -0.69 -8.11 26.56
N ILE B 95 -0.08 -6.98 26.90
CA ILE B 95 1.33 -6.94 27.31
C ILE B 95 1.39 -6.87 28.85
N ASP B 96 1.85 -7.93 29.49
CA ASP B 96 1.92 -7.94 30.94
C ASP B 96 3.08 -7.13 31.50
N GLU B 97 2.90 -6.63 32.72
CA GLU B 97 3.89 -5.83 33.42
C GLU B 97 5.19 -6.57 33.60
N ASP B 98 5.08 -7.84 33.99
CA ASP B 98 6.25 -8.66 34.21
C ASP B 98 6.78 -9.26 32.91
N TYR B 99 6.62 -8.55 31.80
CA TYR B 99 7.08 -9.05 30.51
C TYR B 99 8.44 -8.46 30.20
N THR B 100 9.38 -9.32 29.83
CA THR B 100 10.72 -8.88 29.55
C THR B 100 11.08 -8.97 28.07
N GLY B 101 10.38 -9.85 27.36
CA GLY B 101 10.67 -10.03 25.96
C GLY B 101 10.32 -8.83 25.10
N GLU B 102 10.61 -8.96 23.81
CA GLU B 102 10.33 -7.91 22.84
C GLU B 102 8.82 -7.89 22.64
N VAL B 103 8.28 -6.72 22.35
CA VAL B 103 6.85 -6.60 22.12
C VAL B 103 6.53 -6.97 20.69
N LYS B 104 5.61 -7.92 20.52
CA LYS B 104 5.20 -8.34 19.19
C LYS B 104 3.77 -7.86 18.93
N VAL B 105 3.52 -7.36 17.72
CA VAL B 105 2.19 -6.91 17.37
C VAL B 105 1.65 -7.81 16.31
N ILE B 106 0.78 -8.73 16.70
CA ILE B 106 0.22 -9.63 15.72
C ILE B 106 -0.98 -8.94 15.10
N LEU B 107 -0.89 -8.71 13.80
CA LEU B 107 -1.93 -8.03 13.05
C LEU B 107 -2.72 -9.00 12.19
N TYR B 108 -3.99 -8.71 11.98
CA TYR B 108 -4.83 -9.58 11.17
C TYR B 108 -5.43 -8.81 10.01
N ASN B 109 -5.22 -9.30 8.80
CA ASN B 109 -5.75 -8.63 7.63
C ASN B 109 -7.14 -9.15 7.31
N THR B 110 -8.10 -8.31 7.67
CA THR B 110 -9.52 -8.58 7.50
C THR B 110 -9.89 -8.51 6.03
N THR B 111 -8.93 -8.04 5.25
CA THR B 111 -9.09 -7.84 3.82
C THR B 111 -8.64 -8.97 2.88
N GLU B 112 -9.07 -8.86 1.63
CA GLU B 112 -8.73 -9.84 0.60
C GLU B 112 -7.44 -9.43 -0.13
N ARG B 113 -6.99 -8.21 0.12
CA ARG B 113 -5.77 -7.67 -0.47
C ARG B 113 -4.68 -7.59 0.60
N ASP B 114 -3.49 -8.08 0.25
CA ASP B 114 -2.37 -8.05 1.20
C ASP B 114 -2.11 -6.63 1.64
N TYR B 115 -1.35 -6.49 2.71
CA TYR B 115 -1.02 -5.17 3.23
C TYR B 115 0.47 -5.10 3.52
N ILE B 116 1.14 -4.15 2.88
CA ILE B 116 2.57 -3.96 3.04
C ILE B 116 2.86 -3.05 4.21
N ILE B 117 3.83 -3.46 5.03
CA ILE B 117 4.23 -2.70 6.18
C ILE B 117 5.71 -2.42 6.07
N LYS B 118 6.08 -1.21 5.67
CA LYS B 118 7.50 -0.88 5.57
C LYS B 118 8.01 -0.51 6.96
N LYS B 119 9.24 -0.88 7.27
CA LYS B 119 9.81 -0.55 8.57
C LYS B 119 9.64 0.95 8.78
N GLY B 120 9.46 1.35 10.04
CA GLY B 120 9.27 2.76 10.36
C GLY B 120 7.80 3.07 10.56
N ASP B 121 6.97 2.35 9.81
CA ASP B 121 5.53 2.51 9.86
C ASP B 121 4.94 2.29 11.24
N ARG B 122 3.99 3.14 11.61
CA ARG B 122 3.32 2.99 12.89
C ARG B 122 2.25 1.93 12.63
N ILE B 123 2.29 0.84 13.39
CA ILE B 123 1.36 -0.27 13.20
C ILE B 123 0.32 -0.49 14.29
N ALA B 124 0.42 0.26 15.37
CA ALA B 124 -0.53 0.12 16.46
C ALA B 124 -0.28 1.23 17.45
N GLN B 125 -0.88 1.11 18.64
CA GLN B 125 -0.70 2.11 19.67
C GLN B 125 -0.84 1.45 21.03
N LEU B 126 0.10 1.73 21.92
CA LEU B 126 0.09 1.13 23.24
C LEU B 126 -0.71 1.97 24.20
N ILE B 127 -1.65 1.32 24.89
CA ILE B 127 -2.47 2.02 25.87
C ILE B 127 -2.22 1.39 27.24
N LEU B 128 -1.65 2.20 28.13
CA LEU B 128 -1.35 1.76 29.49
C LEU B 128 -2.65 1.77 30.25
N GLU B 129 -3.35 0.65 30.24
CA GLU B 129 -4.64 0.55 30.90
C GLU B 129 -4.58 0.18 32.36
N GLN B 130 -5.40 0.88 33.14
CA GLN B 130 -5.48 0.66 34.58
C GLN B 130 -6.33 -0.54 34.93
N ILE B 131 -5.76 -1.43 35.72
CA ILE B 131 -6.48 -2.63 36.15
C ILE B 131 -6.22 -2.98 37.61
N VAL B 132 -7.12 -3.77 38.20
CA VAL B 132 -6.98 -4.20 39.58
C VAL B 132 -6.70 -5.69 39.58
N THR B 133 -5.66 -6.08 40.31
CA THR B 133 -5.23 -7.47 40.38
C THR B 133 -5.43 -8.06 41.80
N PRO B 134 -6.70 -8.30 42.18
CA PRO B 134 -7.06 -8.85 43.50
C PRO B 134 -7.00 -10.39 43.63
N GLY B 135 -7.46 -10.88 44.79
CA GLY B 135 -7.49 -12.30 45.05
C GLY B 135 -8.88 -12.86 44.75
N VAL B 136 -8.99 -14.19 44.76
CA VAL B 136 -10.28 -14.83 44.46
C VAL B 136 -11.03 -15.33 45.71
N ALA B 137 -12.34 -15.18 45.68
CA ALA B 137 -13.21 -15.63 46.76
C ALA B 137 -14.23 -16.54 46.09
N VAL B 138 -13.83 -17.80 45.87
CA VAL B 138 -14.70 -18.76 45.21
C VAL B 138 -15.76 -19.43 46.09
N VAL B 139 -16.94 -19.61 45.53
CA VAL B 139 -18.06 -20.24 46.22
C VAL B 139 -18.62 -21.30 45.27
N LEU B 140 -18.24 -22.55 45.48
CA LEU B 140 -18.69 -23.65 44.62
C LEU B 140 -20.20 -23.90 44.63
N ASP B 141 -20.72 -24.28 43.46
CA ASP B 141 -22.14 -24.57 43.26
C ASP B 141 -23.11 -23.42 43.53
MG MG C . 13.80 4.45 -13.98
N1 DUD D . 3.11 -1.56 -26.27
C2 DUD D . 2.42 -1.99 -25.18
N3 DUD D . 2.83 -1.63 -23.93
C4 DUD D . 3.93 -0.84 -23.75
C5 DUD D . 4.67 -0.39 -24.87
C6 DUD D . 4.24 -0.76 -26.10
O2 DUD D . 1.44 -2.68 -25.30
O4 DUD D . 4.29 -0.53 -22.62
C1' DUD D . 2.67 -1.92 -27.65
C2' DUD D . 2.24 -0.64 -28.39
C3' DUD D . 2.93 -0.69 -29.76
C4' DUD D . 3.68 -2.04 -29.77
O4' DUD D . 3.77 -2.50 -28.39
O3' DUD D . 1.97 -0.63 -30.80
C5' DUD D . 5.07 -1.81 -30.30
O5' DUD D . 5.72 -3.04 -30.52
PA DUD D . 6.96 -2.67 -31.46
O1A DUD D . 7.29 -1.20 -31.40
O2A DUD D . 6.51 -3.05 -32.95
O3A DUD D . 8.25 -3.55 -31.06
PB DUD D . 9.45 -2.51 -30.69
O1B DUD D . 9.04 -1.66 -29.54
O2B DUD D . 10.76 -3.34 -30.28
O3B DUD D . 9.79 -1.55 -31.94
MG MG E . -11.59 -9.93 13.99
N1 DUD F . 2.74 -10.32 24.09
C2 DUD F . 3.23 -9.69 22.98
N3 DUD F . 2.40 -9.38 21.95
C4 DUD F . 1.06 -9.70 21.99
C5 DUD F . 0.53 -10.36 23.13
C6 DUD F . 1.37 -10.66 24.15
O2 DUD F . 4.39 -9.39 22.90
O4 DUD F . 0.33 -9.41 21.07
C1' DUD F . 3.63 -10.67 25.22
C2' DUD F . 3.21 -9.88 26.49
C3' DUD F . 3.08 -10.92 27.61
C4' DUD F . 3.48 -12.24 26.95
O4' DUD F . 3.49 -12.07 25.52
O3' DUD F . 3.95 -10.61 28.67
C5' DUD F . 2.48 -13.30 27.34
O5' DUD F . 2.78 -14.52 26.68
PA DUD F . 2.26 -15.66 27.68
O1A DUD F . 1.08 -15.23 28.48
O2A DUD F . 3.48 -16.01 28.66
O3A DUD F . 1.91 -16.97 26.81
PB DUD F . 0.29 -17.12 26.76
O1B DUD F . -0.30 -15.91 26.12
O2B DUD F . -0.08 -18.43 25.89
O3B DUD F . -0.32 -17.27 28.25
#